data_6A04
#
_entry.id   6A04
#
_cell.length_a   49.692
_cell.length_b   63.950
_cell.length_c   101.591
_cell.angle_alpha   90.00
_cell.angle_beta   90.00
_cell.angle_gamma   90.00
#
_symmetry.space_group_name_H-M   'P 21 21 21'
#
loop_
_entity.id
_entity.type
_entity.pdbx_description
1 polymer 'Stimulator of interferon genes protein'
2 non-polymer 'SULFATE ION'
3 non-polymer "9,9'-[(2R,3R,3aS,5S,7aR,9R,10R,10aS,12S,14aR)-3,5,10,12-tetrahydroxy-5,12-dioxidooctahydro-2H,7H-difuro[3,2-d:3',2'-j][1,3,7,9,2,8]tetraoxadiphosphacyclododecine-2,9-diyl]bis(2-amino-1,9-dihydro-6H-purin-6-one)"
4 water water
#
_entity_poly.entity_id   1
_entity_poly.type   'polypeptide(L)'
_entity_poly.pdbx_seq_one_letter_code
;AANFNVAHGLAWSYYIGYLRLILPGLRARIQAYNQRHKNVLGGIGNHRLHILFPLDCGVPDDLSVADPNIRFLHELPQQS
ADRAGIKGRVYTNSIYELLENGQPAGVCVLEYATPLQTLFAMSQDGRAGFSREDRLEQAKLFCRTLEDILADAPEAQNNC
RLIVYQEPTEGGSFSLSQEILRHLRQEEREVTMLEHHHHHH
;
_entity_poly.pdbx_strand_id   A,B
#
loop_
_chem_comp.id
_chem_comp.type
_chem_comp.name
_chem_comp.formula
C2E non-polymer 9,9'-[(2R,3R,3aS,5S,7aR,9R,10R,10aS,12S,14aR)-3,5,10,12-tetrahydroxy-5,12-dioxidooctahydro-2H,7H-difuro[3,2-d:3',2'-j][1,3,7,9,2,8]tetraoxadiphosphacyclododecine-2,9-diyl]bis(2-amino-1,9-dihydro-6H-purin-6-one) 'C20 H24 N10 O14 P2'
SO4 non-polymer 'SULFATE ION' 'O4 S -2'
#
# COMPACT_ATOMS: atom_id res chain seq x y z
N ALA A 2 -6.28 17.61 -15.06
CA ALA A 2 -6.00 16.20 -14.81
C ALA A 2 -4.56 15.83 -15.19
N ASN A 3 -3.69 15.81 -14.18
CA ASN A 3 -2.27 15.47 -14.34
C ASN A 3 -2.08 14.01 -13.93
N PHE A 4 -1.83 13.15 -14.93
CA PHE A 4 -1.67 11.72 -14.70
C PHE A 4 -0.23 11.26 -14.87
N ASN A 5 0.75 12.13 -14.60
CA ASN A 5 2.14 11.67 -14.53
C ASN A 5 2.38 11.09 -13.15
N VAL A 6 2.10 9.81 -12.99
CA VAL A 6 2.13 9.14 -11.70
C VAL A 6 3.29 8.18 -11.54
N ALA A 7 3.97 7.80 -12.63
CA ALA A 7 4.89 6.66 -12.59
C ALA A 7 6.01 6.86 -11.57
N HIS A 8 6.57 8.07 -11.50
CA HIS A 8 7.70 8.30 -10.59
C HIS A 8 7.26 8.09 -9.14
N GLY A 9 6.11 8.67 -8.76
CA GLY A 9 5.54 8.41 -7.45
C GLY A 9 5.21 6.94 -7.20
N LEU A 10 4.66 6.25 -8.21
CA LEU A 10 4.35 4.84 -8.04
C LEU A 10 5.61 4.03 -7.73
N ALA A 11 6.71 4.35 -8.39
CA ALA A 11 7.93 3.57 -8.18
C ALA A 11 8.48 3.80 -6.78
N TRP A 12 8.60 5.07 -6.37
CA TRP A 12 9.10 5.39 -5.03
C TRP A 12 8.19 4.83 -3.95
N SER A 13 6.88 4.94 -4.13
CA SER A 13 5.92 4.40 -3.17
C SER A 13 6.06 2.88 -3.05
N TYR A 14 6.18 2.18 -4.17
CA TYR A 14 6.34 0.73 -4.16
C TYR A 14 7.66 0.30 -3.51
N TYR A 15 8.73 1.06 -3.74
CA TYR A 15 10.01 0.74 -3.12
C TYR A 15 9.98 0.96 -1.60
N ILE A 16 9.56 2.16 -1.16
CA ILE A 16 9.59 2.47 0.27
C ILE A 16 8.50 1.71 1.02
N GLY A 17 7.29 1.70 0.47
CA GLY A 17 6.14 1.18 1.17
C GLY A 17 5.97 -0.30 1.08
N TYR A 18 6.76 -0.98 0.21
CA TYR A 18 6.64 -2.42 0.11
C TYR A 18 7.99 -3.12 0.06
N LEU A 19 8.79 -2.90 -1.00
CA LEU A 19 10.00 -3.69 -1.20
C LEU A 19 10.98 -3.52 -0.05
N ARG A 20 11.26 -2.26 0.34
CA ARG A 20 12.14 -2.02 1.47
C ARG A 20 11.62 -2.69 2.75
N LEU A 21 10.30 -2.80 2.89
CA LEU A 21 9.74 -3.38 4.11
C LEU A 21 9.68 -4.90 4.05
N ILE A 22 9.41 -5.47 2.88
CA ILE A 22 9.14 -6.90 2.80
C ILE A 22 10.41 -7.73 2.57
N LEU A 23 11.40 -7.18 1.85
CA LEU A 23 12.50 -8.04 1.42
C LEU A 23 13.45 -8.46 2.55
N PRO A 24 13.76 -7.61 3.53
CA PRO A 24 14.72 -8.06 4.57
C PRO A 24 14.27 -9.28 5.35
N GLY A 25 12.97 -9.45 5.60
CA GLY A 25 12.50 -10.60 6.34
C GLY A 25 12.05 -11.78 5.50
N LEU A 26 12.13 -11.67 4.16
CA LEU A 26 11.55 -12.70 3.30
C LEU A 26 12.28 -14.03 3.46
N ARG A 27 13.61 -14.01 3.54
CA ARG A 27 14.36 -15.25 3.61
C ARG A 27 14.00 -16.03 4.86
N ALA A 28 13.81 -15.32 5.99
CA ALA A 28 13.47 -15.98 7.24
C ALA A 28 12.08 -16.61 7.19
N ARG A 29 11.12 -15.93 6.55
CA ARG A 29 9.79 -16.51 6.37
C ARG A 29 9.83 -17.75 5.46
N ILE A 30 10.66 -17.72 4.41
CA ILE A 30 10.83 -18.90 3.58
C ILE A 30 11.48 -20.03 4.36
N GLN A 31 12.43 -19.70 5.24
CA GLN A 31 13.06 -20.74 6.03
C GLN A 31 12.06 -21.34 7.02
N ALA A 32 11.19 -20.50 7.58
CA ALA A 32 10.15 -21.01 8.46
C ALA A 32 9.19 -21.89 7.69
N TYR A 33 8.80 -21.46 6.49
CA TYR A 33 7.96 -22.28 5.63
C TYR A 33 8.57 -23.66 5.42
N ASN A 34 9.84 -23.70 5.01
CA ASN A 34 10.49 -24.99 4.73
C ASN A 34 10.55 -25.85 5.97
N GLN A 35 10.91 -25.25 7.10
CA GLN A 35 11.00 -26.03 8.34
C GLN A 35 9.67 -26.71 8.65
N ARG A 36 8.57 -26.05 8.37
CA ARG A 36 7.26 -26.60 8.68
C ARG A 36 6.72 -27.54 7.61
N HIS A 37 7.16 -27.41 6.36
CA HIS A 37 6.47 -28.10 5.27
C HIS A 37 7.34 -29.02 4.42
N LYS A 38 8.67 -28.88 4.45
CA LYS A 38 9.51 -29.60 3.49
C LYS A 38 9.33 -31.11 3.61
N ASN A 39 9.02 -31.60 4.82
CA ASN A 39 8.96 -33.04 4.96
C ASN A 39 7.63 -33.63 4.49
N VAL A 40 6.68 -32.80 4.08
CA VAL A 40 5.40 -33.28 3.53
C VAL A 40 5.14 -32.58 2.20
N LEU A 41 4.80 -31.29 2.28
CA LEU A 41 4.42 -30.54 1.09
C LEU A 41 5.63 -30.30 0.17
N GLY A 42 6.81 -30.17 0.73
CA GLY A 42 7.97 -29.86 -0.09
C GLY A 42 8.46 -28.45 0.19
N GLY A 43 9.77 -28.26 0.04
CA GLY A 43 10.42 -27.01 0.36
C GLY A 43 10.78 -26.22 -0.88
N ILE A 44 11.09 -24.95 -0.66
CA ILE A 44 11.45 -24.01 -1.72
C ILE A 44 12.94 -23.75 -1.66
N GLY A 45 13.64 -23.99 -2.77
CA GLY A 45 15.06 -23.67 -2.82
C GLY A 45 15.38 -22.23 -3.16
N ASN A 46 14.55 -21.59 -3.97
CA ASN A 46 14.80 -20.21 -4.41
C ASN A 46 14.21 -19.25 -3.38
N HIS A 47 15.07 -18.40 -2.79
CA HIS A 47 14.69 -17.54 -1.67
C HIS A 47 14.32 -16.12 -2.09
N ARG A 48 14.15 -15.86 -3.38
CA ARG A 48 13.91 -14.52 -3.88
C ARG A 48 12.44 -14.29 -4.24
N LEU A 49 12.00 -13.05 -4.06
CA LEU A 49 10.66 -12.65 -4.49
C LEU A 49 10.67 -12.41 -6.00
N HIS A 50 9.83 -13.13 -6.74
CA HIS A 50 9.73 -12.94 -8.19
C HIS A 50 8.51 -12.08 -8.50
N ILE A 51 8.75 -10.94 -9.13
CA ILE A 51 7.73 -9.92 -9.32
C ILE A 51 7.52 -9.73 -10.81
N LEU A 52 6.27 -9.88 -11.24
CA LEU A 52 5.91 -9.88 -12.65
C LEU A 52 5.48 -8.47 -13.06
N PHE A 53 5.99 -8.00 -14.19
CA PHE A 53 5.69 -6.66 -14.71
C PHE A 53 5.18 -6.81 -16.13
N PRO A 54 3.91 -7.17 -16.32
CA PRO A 54 3.33 -7.16 -17.67
C PRO A 54 3.22 -5.72 -18.15
N LEU A 55 3.94 -5.40 -19.23
CA LEU A 55 3.96 -4.01 -19.69
C LEU A 55 2.66 -3.58 -20.38
N ASP A 56 2.03 -4.48 -21.14
CA ASP A 56 0.98 -4.05 -22.05
C ASP A 56 -0.34 -4.79 -21.85
N CYS A 57 -0.56 -5.38 -20.68
CA CYS A 57 -1.85 -5.98 -20.36
C CYS A 57 -2.15 -5.76 -18.88
N GLY A 58 -3.43 -5.54 -18.58
CA GLY A 58 -3.85 -5.42 -17.19
C GLY A 58 -3.40 -6.61 -16.39
N VAL A 59 -2.97 -6.37 -15.15
CA VAL A 59 -2.56 -7.44 -14.25
C VAL A 59 -3.76 -8.33 -13.95
N PRO A 60 -3.69 -9.61 -14.33
CA PRO A 60 -4.81 -10.52 -14.09
C PRO A 60 -5.21 -10.55 -12.62
N ASP A 61 -6.50 -10.83 -12.39
CA ASP A 61 -7.04 -10.95 -11.05
C ASP A 61 -6.35 -12.04 -10.25
N ASP A 62 -5.76 -13.02 -10.93
CA ASP A 62 -5.26 -14.22 -10.28
C ASP A 62 -4.28 -14.88 -11.24
N LEU A 63 -3.23 -15.49 -10.67
CA LEU A 63 -2.17 -16.01 -11.51
C LEU A 63 -2.58 -17.28 -12.25
N SER A 64 -3.43 -18.12 -11.65
CA SER A 64 -3.87 -19.31 -12.36
C SER A 64 -4.83 -18.97 -13.49
N VAL A 65 -5.64 -17.91 -13.33
CA VAL A 65 -6.45 -17.42 -14.44
C VAL A 65 -5.54 -16.93 -15.56
N ALA A 66 -4.43 -16.28 -15.20
CA ALA A 66 -3.52 -15.73 -16.21
C ALA A 66 -2.93 -16.83 -17.08
N ASP A 67 -2.52 -17.94 -16.46
CA ASP A 67 -1.92 -19.03 -17.20
C ASP A 67 -2.33 -20.32 -16.50
N PRO A 68 -3.02 -21.23 -17.21
CA PRO A 68 -3.38 -22.52 -16.61
C PRO A 68 -2.19 -23.35 -16.19
N ASN A 69 -0.98 -22.98 -16.59
CA ASN A 69 0.22 -23.71 -16.19
C ASN A 69 0.87 -23.14 -14.93
N ILE A 70 0.19 -22.23 -14.23
CA ILE A 70 0.65 -21.72 -12.95
C ILE A 70 -0.38 -22.11 -11.90
N ARG A 71 0.10 -22.77 -10.83
CA ARG A 71 -0.75 -23.44 -9.86
C ARG A 71 -0.36 -22.96 -8.47
N PHE A 72 -1.33 -22.47 -7.69
CA PHE A 72 -1.04 -22.05 -6.32
C PHE A 72 -0.58 -23.24 -5.48
N LEU A 73 0.50 -23.02 -4.71
CA LEU A 73 1.03 -24.06 -3.85
C LEU A 73 0.71 -23.80 -2.38
N HIS A 74 1.21 -22.70 -1.80
CA HIS A 74 0.96 -22.43 -0.39
C HIS A 74 1.32 -20.98 -0.09
N GLU A 75 0.74 -20.45 0.98
CA GLU A 75 1.12 -19.14 1.46
C GLU A 75 2.34 -19.24 2.37
N LEU A 76 3.18 -18.22 2.33
CA LEU A 76 4.25 -18.11 3.31
C LEU A 76 3.63 -17.69 4.64
N PRO A 77 4.33 -17.90 5.76
CA PRO A 77 3.92 -17.23 7.01
C PRO A 77 3.75 -15.74 6.76
N GLN A 78 2.68 -15.18 7.29
CA GLN A 78 2.42 -13.76 7.06
C GLN A 78 3.44 -12.90 7.76
N GLN A 79 3.64 -11.71 7.24
CA GLN A 79 4.36 -10.65 7.93
C GLN A 79 3.33 -9.65 8.42
N SER A 80 3.30 -9.42 9.73
CA SER A 80 2.36 -8.50 10.36
C SER A 80 3.14 -7.36 11.01
N ALA A 81 2.62 -6.15 10.89
CA ALA A 81 3.34 -5.01 11.48
C ALA A 81 2.36 -3.88 11.75
N ASP A 82 2.62 -3.15 12.82
CA ASP A 82 1.95 -1.87 13.04
C ASP A 82 2.47 -0.84 12.05
N ARG A 83 1.55 -0.18 11.34
CA ARG A 83 1.91 0.68 10.21
C ARG A 83 0.99 1.90 10.18
N ALA A 84 1.55 3.08 10.48
CA ALA A 84 0.85 4.35 10.30
C ALA A 84 -0.54 4.33 10.93
N GLY A 85 -0.63 3.73 12.11
CA GLY A 85 -1.85 3.77 12.92
C GLY A 85 -2.68 2.50 12.83
N ILE A 86 -2.34 1.61 11.91
CA ILE A 86 -3.02 0.34 11.73
C ILE A 86 -2.27 -0.70 12.56
N LYS A 87 -2.98 -1.40 13.44
CA LYS A 87 -2.38 -2.47 14.22
C LYS A 87 -2.28 -3.75 13.38
N GLY A 88 -1.09 -4.31 13.30
CA GLY A 88 -0.90 -5.61 12.66
C GLY A 88 -1.36 -5.66 11.21
N ARG A 89 -0.97 -4.66 10.42
CA ARG A 89 -1.22 -4.73 8.98
C ARG A 89 -0.52 -5.95 8.41
N VAL A 90 -1.21 -6.67 7.53
CA VAL A 90 -0.76 -7.96 7.01
C VAL A 90 -0.12 -7.77 5.65
N TYR A 91 1.07 -8.32 5.47
CA TYR A 91 1.72 -8.42 4.18
C TYR A 91 1.91 -9.90 3.89
N THR A 92 1.36 -10.38 2.78
CA THR A 92 1.35 -11.81 2.53
C THR A 92 1.92 -12.09 1.14
N ASN A 93 2.55 -13.26 1.02
CA ASN A 93 3.20 -13.69 -0.21
C ASN A 93 2.88 -15.16 -0.42
N SER A 94 2.86 -15.59 -1.68
CA SER A 94 2.43 -16.93 -2.06
C SER A 94 3.51 -17.62 -2.91
N ILE A 95 3.59 -18.94 -2.73
CA ILE A 95 4.42 -19.82 -3.56
C ILE A 95 3.52 -20.42 -4.63
N TYR A 96 4.00 -20.44 -5.87
CA TYR A 96 3.30 -21.07 -7.00
C TYR A 96 4.19 -22.13 -7.64
N GLU A 97 3.55 -23.16 -8.18
CA GLU A 97 4.21 -24.13 -9.07
C GLU A 97 4.06 -23.69 -10.51
N LEU A 98 5.14 -23.83 -11.29
CA LEU A 98 5.11 -23.61 -12.72
C LEU A 98 5.13 -24.97 -13.42
N LEU A 99 4.12 -25.23 -14.26
CA LEU A 99 3.93 -26.52 -14.91
C LEU A 99 4.55 -26.51 -16.30
N GLU A 100 5.10 -27.67 -16.67
CA GLU A 100 5.69 -27.82 -17.99
C GLU A 100 5.35 -29.21 -18.49
N ASN A 101 4.63 -29.29 -19.60
CA ASN A 101 4.15 -30.57 -20.10
C ASN A 101 3.42 -31.35 -19.01
N GLY A 102 2.55 -30.65 -18.27
CA GLY A 102 1.73 -31.28 -17.25
C GLY A 102 2.52 -31.94 -16.14
N GLN A 103 3.45 -31.19 -15.55
CA GLN A 103 4.27 -31.62 -14.44
C GLN A 103 4.87 -30.36 -13.84
N PRO A 104 4.88 -30.20 -12.52
CA PRO A 104 5.61 -29.06 -11.94
C PRO A 104 7.06 -29.10 -12.35
N ALA A 105 7.55 -27.98 -12.88
CA ALA A 105 8.94 -27.84 -13.26
C ALA A 105 9.63 -26.70 -12.52
N GLY A 106 8.89 -25.93 -11.74
CA GLY A 106 9.47 -24.83 -11.01
C GLY A 106 8.56 -24.46 -9.87
N VAL A 107 9.15 -23.90 -8.82
CA VAL A 107 8.40 -23.48 -7.63
C VAL A 107 9.07 -22.21 -7.12
N CYS A 108 8.28 -21.16 -6.83
CA CYS A 108 8.90 -19.95 -6.31
C CYS A 108 7.83 -19.02 -5.72
N VAL A 109 8.32 -18.03 -4.97
CA VAL A 109 7.46 -16.98 -4.43
C VAL A 109 7.25 -15.97 -5.54
N LEU A 110 5.99 -15.76 -5.91
CA LEU A 110 5.64 -15.10 -7.15
C LEU A 110 4.47 -14.16 -6.92
N GLU A 111 4.50 -13.01 -7.59
CA GLU A 111 3.36 -12.09 -7.54
C GLU A 111 3.53 -11.01 -8.62
N TYR A 112 2.42 -10.34 -8.93
CA TYR A 112 2.44 -9.18 -9.79
C TYR A 112 2.89 -7.94 -9.05
N ALA A 113 3.45 -6.99 -9.78
CA ALA A 113 3.79 -5.69 -9.22
C ALA A 113 2.48 -4.90 -9.06
N THR A 114 2.09 -4.66 -7.81
CA THR A 114 0.76 -4.12 -7.61
C THR A 114 0.56 -2.71 -8.22
N PRO A 115 1.56 -1.83 -8.36
CA PRO A 115 1.28 -0.53 -9.00
C PRO A 115 0.76 -0.63 -10.42
N LEU A 116 1.04 -1.75 -11.12
CA LEU A 116 0.48 -1.91 -12.46
C LEU A 116 -1.02 -2.13 -12.41
N GLN A 117 -1.52 -2.70 -11.32
CA GLN A 117 -2.96 -2.72 -11.11
C GLN A 117 -3.51 -1.30 -10.88
N THR A 118 -2.77 -0.47 -10.17
CA THR A 118 -3.21 0.92 -9.97
C THR A 118 -3.34 1.66 -11.29
N LEU A 119 -2.36 1.47 -12.18
CA LEU A 119 -2.41 2.12 -13.49
C LEU A 119 -3.59 1.62 -14.30
N PHE A 120 -3.81 0.30 -14.31
CA PHE A 120 -4.95 -0.26 -15.02
C PHE A 120 -6.25 0.34 -14.51
N ALA A 121 -6.45 0.33 -13.19
CA ALA A 121 -7.66 0.92 -12.63
C ALA A 121 -7.81 2.37 -13.06
N MET A 122 -6.72 3.15 -13.07
CA MET A 122 -6.80 4.53 -13.51
C MET A 122 -7.32 4.65 -14.95
N SER A 123 -6.96 3.70 -15.80
CA SER A 123 -7.35 3.75 -17.21
C SER A 123 -8.80 3.34 -17.45
N GLN A 124 -9.44 2.69 -16.46
CA GLN A 124 -10.78 2.17 -16.63
C GLN A 124 -11.85 2.97 -15.90
N ASP A 125 -11.51 4.15 -15.37
CA ASP A 125 -12.45 4.91 -14.55
C ASP A 125 -13.18 6.02 -15.31
N GLY A 126 -13.21 5.94 -16.65
CA GLY A 126 -13.95 6.88 -17.44
C GLY A 126 -13.38 8.28 -17.53
N ARG A 127 -12.37 8.61 -16.73
CA ARG A 127 -11.78 9.94 -16.76
C ARG A 127 -11.13 10.22 -18.11
N ALA A 128 -11.31 11.45 -18.59
CA ALA A 128 -10.76 11.84 -19.89
C ALA A 128 -9.28 12.17 -19.77
N GLY A 129 -8.52 11.84 -20.82
CA GLY A 129 -7.10 12.11 -20.86
C GLY A 129 -6.21 11.03 -20.29
N PHE A 130 -6.66 9.77 -20.27
CA PHE A 130 -5.80 8.67 -19.83
C PHE A 130 -6.22 7.44 -20.63
N SER A 131 -5.64 7.29 -21.83
CA SER A 131 -5.98 6.18 -22.71
C SER A 131 -5.12 4.96 -22.38
N ARG A 132 -5.37 3.86 -23.10
CA ARG A 132 -4.47 2.72 -22.99
C ARG A 132 -3.06 3.10 -23.40
N GLU A 133 -2.93 4.04 -24.34
CA GLU A 133 -1.61 4.52 -24.74
C GLU A 133 -0.89 5.17 -23.56
N ASP A 134 -1.60 6.05 -22.84
CA ASP A 134 -1.03 6.67 -21.64
C ASP A 134 -0.65 5.63 -20.60
N ARG A 135 -1.53 4.67 -20.37
CA ARG A 135 -1.26 3.61 -19.40
C ARG A 135 0.05 2.90 -19.74
N LEU A 136 0.21 2.51 -21.01
CA LEU A 136 1.42 1.77 -21.39
C LEU A 136 2.67 2.61 -21.16
N GLU A 137 2.61 3.89 -21.48
CA GLU A 137 3.78 4.75 -21.26
C GLU A 137 4.07 4.89 -19.77
N GLN A 138 3.03 5.02 -18.95
CA GLN A 138 3.26 5.12 -17.51
C GLN A 138 3.78 3.80 -16.95
N ALA A 139 3.35 2.66 -17.49
CA ALA A 139 3.86 1.39 -16.99
C ALA A 139 5.34 1.24 -17.28
N LYS A 140 5.78 1.63 -18.49
CA LYS A 140 7.21 1.51 -18.79
C LYS A 140 8.03 2.45 -17.94
N LEU A 141 7.54 3.68 -17.73
CA LEU A 141 8.26 4.62 -16.90
C LEU A 141 8.31 4.15 -15.46
N PHE A 142 7.20 3.58 -14.95
CA PHE A 142 7.21 2.97 -13.62
C PHE A 142 8.30 1.91 -13.51
N CYS A 143 8.33 0.98 -14.46
CA CYS A 143 9.35 -0.08 -14.44
CA CYS A 143 9.34 -0.07 -14.42
C CYS A 143 10.76 0.50 -14.48
N ARG A 144 11.00 1.42 -15.41
CA ARG A 144 12.33 2.01 -15.55
C ARG A 144 12.78 2.69 -14.27
N THR A 145 11.91 3.52 -13.68
CA THR A 145 12.28 4.25 -12.47
C THR A 145 12.56 3.30 -11.32
N LEU A 146 11.76 2.25 -11.17
CA LEU A 146 11.97 1.28 -10.09
C LEU A 146 13.28 0.55 -10.26
N GLU A 147 13.62 0.14 -11.49
CA GLU A 147 14.92 -0.47 -11.72
C GLU A 147 16.04 0.52 -11.45
N ASP A 148 15.81 1.78 -11.83
CA ASP A 148 16.77 2.83 -11.49
C ASP A 148 17.01 2.86 -9.99
N ILE A 149 15.93 2.80 -9.20
CA ILE A 149 16.04 2.86 -7.75
C ILE A 149 16.78 1.63 -7.21
N LEU A 150 16.37 0.45 -7.68
CA LEU A 150 16.98 -0.80 -7.20
C LEU A 150 18.47 -0.88 -7.53
N ALA A 151 18.91 -0.26 -8.62
CA ALA A 151 20.33 -0.29 -8.97
C ALA A 151 21.21 0.35 -7.90
N ASP A 152 20.62 1.12 -6.98
CA ASP A 152 21.35 1.67 -5.84
C ASP A 152 20.97 0.98 -4.54
N ALA A 153 20.23 -0.10 -4.60
CA ALA A 153 19.79 -0.85 -3.43
C ALA A 153 20.24 -2.30 -3.62
N PRO A 154 21.51 -2.60 -3.32
CA PRO A 154 22.05 -3.93 -3.68
C PRO A 154 21.42 -5.09 -2.93
N GLU A 155 21.20 -4.99 -1.62
CA GLU A 155 20.56 -6.08 -0.87
C GLU A 155 19.16 -6.36 -1.43
N ALA A 156 18.35 -5.30 -1.61
CA ALA A 156 17.04 -5.47 -2.21
C ALA A 156 17.13 -6.08 -3.61
N GLN A 157 18.10 -5.64 -4.40
CA GLN A 157 18.30 -6.23 -5.72
C GLN A 157 18.59 -7.71 -5.61
N ASN A 158 19.33 -8.13 -4.59
CA ASN A 158 19.67 -9.53 -4.44
C ASN A 158 18.54 -10.37 -3.86
N ASN A 159 17.48 -9.76 -3.33
CA ASN A 159 16.40 -10.50 -2.71
C ASN A 159 15.14 -10.56 -3.57
N CYS A 160 15.14 -9.92 -4.74
CA CYS A 160 13.99 -9.99 -5.63
C CYS A 160 14.48 -10.06 -7.07
N ARG A 161 13.62 -10.58 -7.93
CA ARG A 161 13.91 -10.61 -9.36
C ARG A 161 12.71 -10.03 -10.09
N LEU A 162 12.98 -9.05 -10.95
CA LEU A 162 11.94 -8.39 -11.74
C LEU A 162 11.82 -9.12 -13.08
N ILE A 163 10.63 -9.63 -13.37
CA ILE A 163 10.36 -10.34 -14.61
C ILE A 163 9.46 -9.43 -15.43
N VAL A 164 10.05 -8.80 -16.46
CA VAL A 164 9.42 -7.75 -17.23
C VAL A 164 9.16 -8.27 -18.64
N TYR A 165 7.94 -8.15 -19.12
CA TYR A 165 7.64 -8.81 -20.39
C TYR A 165 6.49 -8.11 -21.09
N GLN A 166 6.52 -8.20 -22.41
CA GLN A 166 5.36 -7.95 -23.25
C GLN A 166 4.48 -9.19 -23.31
N GLU A 167 3.25 -8.98 -23.75
CA GLU A 167 2.34 -10.08 -24.07
C GLU A 167 1.70 -9.82 -25.42
N PRO A 168 1.63 -10.84 -26.28
CA PRO A 168 0.94 -10.68 -27.56
C PRO A 168 -0.56 -10.55 -27.35
N THR A 169 -1.17 -9.64 -28.10
CA THR A 169 -2.62 -9.42 -28.05
C THR A 169 -3.35 -10.17 -29.16
N GLU A 170 -2.64 -10.93 -29.98
CA GLU A 170 -3.24 -12.00 -30.77
C GLU A 170 -3.06 -13.36 -30.10
N GLY A 171 -2.29 -13.42 -29.02
CA GLY A 171 -2.23 -14.59 -28.16
C GLY A 171 -1.58 -15.83 -28.76
N GLY A 172 -1.34 -16.83 -27.91
CA GLY A 172 -0.86 -18.12 -28.33
C GLY A 172 0.65 -18.24 -28.46
N SER A 173 1.34 -17.13 -28.70
CA SER A 173 2.78 -17.15 -28.92
C SER A 173 3.57 -16.76 -27.67
N PHE A 174 2.99 -16.92 -26.48
CA PHE A 174 3.62 -16.56 -25.21
C PHE A 174 3.04 -17.39 -24.09
N SER A 175 3.91 -18.05 -23.34
CA SER A 175 3.52 -18.77 -22.12
C SER A 175 4.14 -18.04 -20.93
N LEU A 176 3.31 -17.61 -19.98
CA LEU A 176 3.84 -16.91 -18.82
C LEU A 176 4.67 -17.84 -17.95
N SER A 177 4.19 -19.07 -17.72
CA SER A 177 4.99 -20.04 -16.98
C SER A 177 6.36 -20.26 -17.63
N GLN A 178 6.40 -20.39 -18.96
CA GLN A 178 7.68 -20.55 -19.65
C GLN A 178 8.58 -19.34 -19.43
N GLU A 179 8.00 -18.15 -19.42
CA GLU A 179 8.80 -16.95 -19.22
C GLU A 179 9.40 -16.92 -17.81
N ILE A 180 8.62 -17.31 -16.80
CA ILE A 180 9.15 -17.39 -15.44
C ILE A 180 10.18 -18.51 -15.34
N LEU A 181 9.88 -19.68 -15.92
CA LEU A 181 10.83 -20.79 -15.87
C LEU A 181 12.18 -20.38 -16.43
N ARG A 182 12.19 -19.63 -17.55
CA ARG A 182 13.47 -19.26 -18.12
C ARG A 182 14.28 -18.41 -17.15
N HIS A 183 13.63 -17.50 -16.43
CA HIS A 183 14.31 -16.68 -15.44
C HIS A 183 14.82 -17.50 -14.27
N LEU A 184 14.01 -18.44 -13.75
CA LEU A 184 14.46 -19.26 -12.63
C LEU A 184 15.69 -20.06 -13.00
N ARG A 185 15.73 -20.58 -14.21
CA ARG A 185 16.87 -21.39 -14.63
C ARG A 185 18.12 -20.56 -14.83
N GLN A 186 17.97 -19.26 -15.12
CA GLN A 186 19.13 -18.37 -15.25
C GLN A 186 19.69 -17.98 -13.89
N GLU A 187 18.83 -17.82 -12.88
CA GLU A 187 19.30 -17.41 -11.56
C GLU A 187 20.30 -18.42 -11.01
N GLU A 188 20.06 -19.70 -11.27
CA GLU A 188 20.94 -20.77 -10.81
C GLU A 188 22.13 -20.92 -11.76
N ALA B 2 17.55 11.80 -11.17
CA ALA B 2 16.33 11.21 -10.64
C ALA B 2 15.22 12.26 -10.51
N ASN B 3 14.05 11.90 -11.03
CA ASN B 3 12.87 12.76 -10.93
C ASN B 3 12.19 12.51 -9.59
N PHE B 4 12.07 13.56 -8.79
CA PHE B 4 11.46 13.47 -7.47
C PHE B 4 10.09 14.13 -7.41
N ASN B 5 9.44 14.30 -8.56
CA ASN B 5 8.04 14.75 -8.66
C ASN B 5 7.15 13.52 -8.47
N VAL B 6 6.87 13.22 -7.20
CA VAL B 6 6.15 12.01 -6.83
C VAL B 6 4.75 12.29 -6.31
N ALA B 7 4.43 13.55 -6.00
CA ALA B 7 3.21 13.86 -5.28
C ALA B 7 1.97 13.41 -6.04
N HIS B 8 1.95 13.59 -7.37
CA HIS B 8 0.77 13.18 -8.13
C HIS B 8 0.58 11.68 -8.08
N GLY B 9 1.66 10.91 -8.21
CA GLY B 9 1.56 9.47 -8.09
C GLY B 9 1.10 9.04 -6.71
N LEU B 10 1.59 9.72 -5.67
CA LEU B 10 1.20 9.39 -4.32
C LEU B 10 -0.28 9.65 -4.10
N ALA B 11 -0.79 10.77 -4.60
CA ALA B 11 -2.18 11.11 -4.38
C ALA B 11 -3.11 10.18 -5.13
N TRP B 12 -2.83 9.89 -6.41
CA TRP B 12 -3.69 9.00 -7.18
C TRP B 12 -3.58 7.55 -6.70
N SER B 13 -2.37 7.13 -6.33
CA SER B 13 -2.21 5.81 -5.72
C SER B 13 -3.03 5.69 -4.45
N TYR B 14 -2.90 6.67 -3.55
CA TYR B 14 -3.61 6.62 -2.28
C TYR B 14 -5.12 6.63 -2.50
N TYR B 15 -5.59 7.38 -3.51
CA TYR B 15 -7.02 7.40 -3.79
C TYR B 15 -7.49 6.13 -4.48
N ILE B 16 -6.89 5.81 -5.64
CA ILE B 16 -7.31 4.67 -6.44
C ILE B 16 -7.03 3.35 -5.73
N GLY B 17 -5.89 3.25 -5.07
CA GLY B 17 -5.54 1.97 -4.48
C GLY B 17 -6.03 1.75 -3.07
N TYR B 18 -6.74 2.71 -2.48
CA TYR B 18 -7.10 2.56 -1.08
C TYR B 18 -8.39 3.28 -0.72
N LEU B 19 -8.40 4.62 -0.79
CA LEU B 19 -9.59 5.35 -0.34
C LEU B 19 -10.82 5.01 -1.17
N ARG B 20 -10.65 4.94 -2.50
CA ARG B 20 -11.75 4.52 -3.36
C ARG B 20 -12.28 3.14 -2.98
N LEU B 21 -11.41 2.28 -2.47
CA LEU B 21 -11.80 0.90 -2.17
C LEU B 21 -12.44 0.74 -0.80
N ILE B 22 -12.01 1.52 0.20
CA ILE B 22 -12.46 1.25 1.58
C ILE B 22 -13.53 2.23 2.03
N LEU B 23 -13.55 3.44 1.49
CA LEU B 23 -14.52 4.42 1.97
C LEU B 23 -15.97 4.02 1.69
N PRO B 24 -16.34 3.42 0.55
CA PRO B 24 -17.77 3.07 0.35
C PRO B 24 -18.35 2.18 1.44
N GLY B 25 -17.58 1.23 1.97
CA GLY B 25 -18.06 0.29 2.96
C GLY B 25 -17.70 0.60 4.39
N LEU B 26 -17.12 1.77 4.67
CA LEU B 26 -16.67 2.08 6.02
C LEU B 26 -17.85 2.30 6.97
N ARG B 27 -18.87 3.03 6.53
CA ARG B 27 -20.01 3.31 7.39
C ARG B 27 -20.64 2.02 7.88
N ALA B 28 -20.86 1.06 6.95
CA ALA B 28 -21.50 -0.20 7.32
C ALA B 28 -20.64 -1.00 8.29
N ARG B 29 -19.31 -0.92 8.15
CA ARG B 29 -18.43 -1.62 9.08
C ARG B 29 -18.50 -1.00 10.46
N ILE B 30 -18.58 0.33 10.54
CA ILE B 30 -18.71 0.99 11.83
C ILE B 30 -20.05 0.65 12.46
N GLN B 31 -21.13 0.75 11.68
CA GLN B 31 -22.47 0.39 12.17
C GLN B 31 -22.51 -1.05 12.66
N ALA B 32 -21.89 -1.97 11.91
CA ALA B 32 -21.82 -3.37 12.33
C ALA B 32 -21.11 -3.51 13.66
N TYR B 33 -19.98 -2.83 13.81
CA TYR B 33 -19.21 -2.91 15.05
C TYR B 33 -20.04 -2.43 16.23
N ASN B 34 -20.74 -1.30 16.06
CA ASN B 34 -21.65 -0.82 17.10
C ASN B 34 -22.66 -1.89 17.48
N GLN B 35 -23.26 -2.53 16.49
CA GLN B 35 -24.33 -3.49 16.75
C GLN B 35 -23.79 -4.74 17.42
N ARG B 36 -22.62 -5.20 16.99
CA ARG B 36 -21.98 -6.37 17.58
C ARG B 36 -21.66 -6.16 19.05
N HIS B 37 -21.26 -4.95 19.42
CA HIS B 37 -20.80 -4.62 20.76
C HIS B 37 -21.77 -3.69 21.49
N LYS B 38 -23.07 -3.79 21.13
CA LYS B 38 -24.04 -2.80 21.54
C LYS B 38 -24.12 -2.67 23.05
N ASN B 39 -24.46 -3.76 23.73
CA ASN B 39 -24.64 -3.68 25.18
C ASN B 39 -23.32 -3.58 25.96
N VAL B 40 -22.15 -3.60 25.31
CA VAL B 40 -20.92 -3.68 26.07
C VAL B 40 -19.99 -2.49 25.81
N LEU B 41 -19.45 -2.43 24.60
CA LEU B 41 -18.29 -1.59 24.28
C LEU B 41 -18.68 -0.19 23.82
N GLY B 42 -19.97 0.06 23.66
CA GLY B 42 -20.42 1.39 23.30
C GLY B 42 -20.36 1.64 21.81
N GLY B 43 -20.85 2.82 21.43
CA GLY B 43 -21.11 3.14 20.05
C GLY B 43 -20.19 4.25 19.55
N ILE B 44 -19.65 4.03 18.36
CA ILE B 44 -18.92 5.07 17.64
C ILE B 44 -19.94 5.82 16.80
N GLY B 45 -20.19 7.08 17.13
CA GLY B 45 -21.16 7.87 16.41
C GLY B 45 -20.63 8.53 15.15
N ASN B 46 -19.35 8.92 15.15
CA ASN B 46 -18.76 9.58 13.99
C ASN B 46 -18.33 8.53 12.96
N HIS B 47 -18.94 8.54 11.78
CA HIS B 47 -18.80 7.46 10.82
C HIS B 47 -17.75 7.74 9.75
N ARG B 48 -16.90 8.75 9.93
CA ARG B 48 -15.92 9.12 8.93
C ARG B 48 -14.52 8.60 9.26
N LEU B 49 -13.74 8.34 8.21
CA LEU B 49 -12.32 8.06 8.36
C LEU B 49 -11.56 9.37 8.53
N HIS B 50 -10.80 9.49 9.61
CA HIS B 50 -10.00 10.68 9.86
C HIS B 50 -8.56 10.36 9.53
N ILE B 51 -7.99 11.11 8.61
CA ILE B 51 -6.68 10.82 8.06
C ILE B 51 -5.73 11.93 8.50
N LEU B 52 -4.75 11.56 9.33
CA LEU B 52 -3.77 12.49 9.84
C LEU B 52 -2.69 12.74 8.79
N PHE B 53 -2.35 14.00 8.60
CA PHE B 53 -1.50 14.45 7.50
C PHE B 53 -0.48 15.44 8.06
N PRO B 54 0.53 14.95 8.77
CA PRO B 54 1.62 15.82 9.21
C PRO B 54 2.45 16.27 8.01
N LEU B 55 2.42 17.58 7.74
CA LEU B 55 3.18 18.13 6.63
C LEU B 55 4.68 17.90 6.78
N ASP B 56 5.16 17.70 8.01
CA ASP B 56 6.58 17.38 8.17
C ASP B 56 6.88 15.92 7.85
N CYS B 57 5.85 15.14 7.49
CA CYS B 57 5.96 13.76 7.04
C CYS B 57 6.45 12.82 8.12
N GLY B 58 6.41 13.24 9.38
CA GLY B 58 6.82 12.35 10.43
C GLY B 58 5.65 11.51 10.90
N VAL B 59 5.56 10.27 10.44
CA VAL B 59 4.41 9.41 10.65
C VAL B 59 4.83 8.26 11.56
N PRO B 60 4.29 8.15 12.78
CA PRO B 60 4.73 7.08 13.68
C PRO B 60 4.05 5.75 13.35
N ASP B 61 4.76 4.65 13.69
CA ASP B 61 4.21 3.32 13.57
C ASP B 61 3.92 2.69 14.92
N ASP B 62 3.86 3.50 15.99
CA ASP B 62 3.78 2.98 17.36
C ASP B 62 2.35 2.98 17.92
N LEU B 63 1.34 3.16 17.06
CA LEU B 63 -0.06 3.19 17.48
C LEU B 63 -0.28 4.29 18.50
N SER B 64 0.57 5.31 18.41
CA SER B 64 0.52 6.51 19.26
C SER B 64 0.70 6.20 20.75
N VAL B 65 1.40 5.12 21.11
CA VAL B 65 1.61 4.93 22.53
C VAL B 65 2.51 6.01 23.09
N ALA B 66 3.31 6.68 22.24
CA ALA B 66 4.18 7.75 22.73
C ALA B 66 3.36 8.95 23.22
N ASP B 67 2.17 9.17 22.64
CA ASP B 67 1.28 10.26 23.02
C ASP B 67 0.21 9.73 23.96
N PRO B 68 0.26 10.02 25.26
CA PRO B 68 -0.73 9.45 26.19
C PRO B 68 -2.15 9.96 25.99
N ASN B 69 -2.38 10.97 25.16
CA ASN B 69 -3.73 11.48 24.95
C ASN B 69 -4.40 10.91 23.72
N ILE B 70 -3.73 9.97 23.03
CA ILE B 70 -4.23 9.23 21.87
C ILE B 70 -3.92 7.76 22.15
N ARG B 71 -4.97 6.93 22.23
CA ARG B 71 -4.80 5.53 22.61
C ARG B 71 -5.56 4.61 21.66
N PHE B 72 -4.89 3.55 21.21
CA PHE B 72 -5.53 2.54 20.37
C PHE B 72 -6.62 1.83 21.17
N LEU B 73 -7.84 1.80 20.63
CA LEU B 73 -8.98 1.20 21.31
C LEU B 73 -9.27 -0.21 20.80
N HIS B 74 -9.49 -0.36 19.50
CA HIS B 74 -9.78 -1.68 18.95
C HIS B 74 -9.68 -1.59 17.43
N GLU B 75 -9.35 -2.71 16.80
CA GLU B 75 -9.41 -2.81 15.36
C GLU B 75 -10.84 -2.65 14.86
N LEU B 76 -11.00 -1.99 13.72
CA LEU B 76 -12.23 -2.07 12.95
C LEU B 76 -12.04 -3.15 11.91
N PRO B 77 -12.66 -4.32 12.06
CA PRO B 77 -12.37 -5.44 11.15
C PRO B 77 -12.84 -5.17 9.72
N GLN B 78 -12.26 -5.93 8.82
CA GLN B 78 -12.45 -5.80 7.38
C GLN B 78 -13.89 -6.13 6.97
N GLN B 79 -14.24 -5.65 5.76
CA GLN B 79 -15.41 -6.00 4.91
C GLN B 79 -16.24 -4.78 4.54
N GLY B 88 -4.78 -12.97 -0.30
CA GLY B 88 -5.46 -12.57 0.92
C GLY B 88 -5.01 -11.23 1.50
N ARG B 89 -5.22 -10.15 0.75
CA ARG B 89 -4.86 -8.81 1.22
C ARG B 89 -6.00 -8.26 2.07
N VAL B 90 -5.66 -7.78 3.26
CA VAL B 90 -6.63 -7.46 4.30
C VAL B 90 -6.62 -5.95 4.54
N TYR B 91 -7.80 -5.34 4.53
CA TYR B 91 -7.95 -3.90 4.78
C TYR B 91 -8.71 -3.71 6.08
N THR B 92 -7.99 -3.42 7.16
CA THR B 92 -8.60 -3.11 8.44
C THR B 92 -8.33 -1.66 8.80
N ASN B 93 -9.11 -1.14 9.74
CA ASN B 93 -8.89 0.22 10.22
C ASN B 93 -8.89 0.20 11.74
N SER B 94 -8.77 1.39 12.33
CA SER B 94 -8.42 1.54 13.74
C SER B 94 -9.32 2.54 14.44
N ILE B 95 -9.84 2.14 15.59
CA ILE B 95 -10.62 3.02 16.46
C ILE B 95 -9.70 3.49 17.58
N TYR B 96 -9.66 4.80 17.79
CA TYR B 96 -8.78 5.43 18.76
C TYR B 96 -9.62 6.22 19.76
N GLU B 97 -9.16 6.23 21.01
CA GLU B 97 -9.70 7.12 22.02
C GLU B 97 -8.80 8.34 22.15
N LEU B 98 -9.41 9.50 22.33
CA LEU B 98 -8.73 10.76 22.58
C LEU B 98 -9.03 11.20 24.01
N LEU B 99 -8.02 11.73 24.69
CA LEU B 99 -8.15 12.16 26.07
C LEU B 99 -7.80 13.64 26.17
N GLU B 100 -8.43 14.31 27.12
CA GLU B 100 -8.32 15.76 27.28
C GLU B 100 -8.39 16.06 28.77
N ASN B 101 -7.37 16.75 29.29
CA ASN B 101 -7.27 17.02 30.72
C ASN B 101 -7.28 15.73 31.54
N GLY B 102 -6.71 14.66 30.99
CA GLY B 102 -6.63 13.36 31.65
C GLY B 102 -7.86 12.50 31.54
N GLN B 103 -8.94 13.00 30.93
CA GLN B 103 -10.20 12.29 30.90
C GLN B 103 -10.58 11.95 29.48
N PRO B 104 -11.38 10.90 29.26
CA PRO B 104 -11.80 10.58 27.90
C PRO B 104 -12.55 11.76 27.30
N ALA B 105 -12.28 12.03 26.02
CA ALA B 105 -12.85 13.18 25.32
C ALA B 105 -13.38 12.85 23.94
N GLY B 106 -12.91 11.79 23.29
CA GLY B 106 -13.46 11.44 21.98
C GLY B 106 -13.09 10.05 21.57
N VAL B 107 -13.82 9.54 20.57
CA VAL B 107 -13.58 8.24 19.96
C VAL B 107 -13.88 8.36 18.46
N CYS B 108 -12.98 7.88 17.61
CA CYS B 108 -13.19 7.97 16.18
C CYS B 108 -12.30 6.96 15.47
N VAL B 109 -12.60 6.76 14.19
CA VAL B 109 -11.76 5.94 13.31
C VAL B 109 -10.66 6.84 12.75
N LEU B 110 -9.40 6.48 13.01
CA LEU B 110 -8.27 7.38 12.85
C LEU B 110 -7.04 6.63 12.33
N GLU B 111 -6.26 7.29 11.46
CA GLU B 111 -5.00 6.73 10.97
C GLU B 111 -4.19 7.82 10.29
N TYR B 112 -2.93 7.51 9.99
CA TYR B 112 -2.04 8.41 9.27
C TYR B 112 -2.05 8.11 7.78
N ALA B 113 -1.78 9.14 6.99
CA ALA B 113 -1.56 9.01 5.55
C ALA B 113 -0.22 8.33 5.26
N THR B 114 -0.22 7.00 5.17
CA THR B 114 1.03 6.26 5.03
C THR B 114 1.97 6.78 3.94
N PRO B 115 1.51 7.23 2.76
CA PRO B 115 2.48 7.69 1.73
C PRO B 115 3.35 8.89 2.14
N LEU B 116 2.98 9.61 3.21
CA LEU B 116 3.90 10.63 3.71
C LEU B 116 5.22 10.00 4.17
N GLN B 117 5.20 8.72 4.52
CA GLN B 117 6.43 8.03 4.92
C GLN B 117 7.34 7.82 3.71
N THR B 118 6.76 7.75 2.52
CA THR B 118 7.56 7.70 1.30
C THR B 118 8.34 9.00 1.12
N LEU B 119 7.63 10.13 1.22
CA LEU B 119 8.29 11.43 1.20
C LEU B 119 9.38 11.54 2.26
N PHE B 120 9.12 11.06 3.48
CA PHE B 120 10.12 11.15 4.53
C PHE B 120 11.38 10.37 4.17
N ALA B 121 11.23 9.11 3.77
CA ALA B 121 12.41 8.30 3.41
C ALA B 121 13.20 8.94 2.29
N MET B 122 12.50 9.54 1.31
CA MET B 122 13.18 10.14 0.19
C MET B 122 14.09 11.28 0.64
N SER B 123 13.62 12.10 1.59
CA SER B 123 14.43 13.19 2.10
C SER B 123 15.50 12.71 3.05
N GLN B 124 15.32 11.51 3.60
CA GLN B 124 16.21 10.97 4.60
C GLN B 124 17.13 9.91 4.04
N ASP B 125 17.09 9.64 2.73
CA ASP B 125 17.84 8.51 2.18
C ASP B 125 19.25 8.90 1.77
N GLY B 126 19.60 10.19 1.87
CA GLY B 126 20.93 10.62 1.54
C GLY B 126 21.21 10.85 0.09
N ARG B 127 20.20 10.78 -0.78
CA ARG B 127 20.39 11.15 -2.17
C ARG B 127 20.40 12.66 -2.31
N ALA B 128 20.98 13.14 -3.42
CA ALA B 128 21.33 14.55 -3.56
C ALA B 128 20.11 15.47 -3.62
N GLY B 129 19.45 15.52 -4.77
CA GLY B 129 18.50 16.59 -5.01
C GLY B 129 17.15 16.50 -4.32
N PHE B 130 17.10 16.12 -3.04
CA PHE B 130 15.79 16.05 -2.37
C PHE B 130 15.97 16.41 -0.89
N SER B 131 15.82 17.70 -0.58
CA SER B 131 16.02 18.23 0.76
C SER B 131 14.72 18.18 1.57
N ARG B 132 14.83 18.57 2.85
CA ARG B 132 13.65 18.81 3.68
C ARG B 132 12.73 19.83 3.03
N GLU B 133 13.31 20.85 2.40
CA GLU B 133 12.51 21.86 1.71
C GLU B 133 11.75 21.27 0.52
N ASP B 134 12.40 20.43 -0.28
CA ASP B 134 11.69 19.74 -1.36
C ASP B 134 10.58 18.86 -0.80
N ARG B 135 10.85 18.20 0.32
CA ARG B 135 9.87 17.31 0.93
C ARG B 135 8.59 18.07 1.27
N LEU B 136 8.72 19.23 1.92
CA LEU B 136 7.54 19.98 2.34
C LEU B 136 6.70 20.40 1.14
N GLU B 137 7.35 20.84 0.06
CA GLU B 137 6.59 21.20 -1.14
C GLU B 137 5.91 19.99 -1.76
N GLN B 138 6.53 18.81 -1.67
CA GLN B 138 5.85 17.61 -2.15
C GLN B 138 4.70 17.23 -1.23
N ALA B 139 4.89 17.33 0.08
CA ALA B 139 3.78 17.01 0.99
C ALA B 139 2.59 17.91 0.73
N LYS B 140 2.84 19.21 0.49
CA LYS B 140 1.75 20.14 0.25
C LYS B 140 1.04 19.82 -1.06
N LEU B 141 1.82 19.57 -2.12
CA LEU B 141 1.22 19.20 -3.40
C LEU B 141 0.45 17.90 -3.30
N PHE B 142 1.01 16.90 -2.60
CA PHE B 142 0.31 15.66 -2.28
C PHE B 142 -1.03 15.97 -1.62
N CYS B 143 -0.99 16.73 -0.52
CA CYS B 143 -2.21 17.12 0.16
C CYS B 143 -3.20 17.77 -0.79
N ARG B 144 -2.73 18.73 -1.60
CA ARG B 144 -3.66 19.51 -2.40
C ARG B 144 -4.28 18.66 -3.51
N THR B 145 -3.48 17.79 -4.12
CA THR B 145 -3.99 16.93 -5.19
C THR B 145 -5.03 15.96 -4.66
N LEU B 146 -4.77 15.36 -3.50
CA LEU B 146 -5.74 14.45 -2.89
C LEU B 146 -7.04 15.16 -2.56
N GLU B 147 -6.94 16.36 -1.99
CA GLU B 147 -8.13 17.16 -1.71
C GLU B 147 -8.91 17.47 -2.97
N ASP B 148 -8.23 17.84 -4.05
CA ASP B 148 -8.91 18.07 -5.32
C ASP B 148 -9.56 16.79 -5.82
N ILE B 149 -8.89 15.66 -5.67
CA ILE B 149 -9.49 14.39 -6.08
C ILE B 149 -10.72 14.11 -5.22
N LEU B 150 -10.59 14.24 -3.91
CA LEU B 150 -11.72 13.95 -3.03
C LEU B 150 -12.87 14.93 -3.26
N ALA B 151 -12.56 16.13 -3.72
CA ALA B 151 -13.58 17.15 -4.02
C ALA B 151 -14.36 16.87 -5.29
N ASP B 152 -14.01 15.83 -6.05
CA ASP B 152 -14.83 15.39 -7.17
C ASP B 152 -15.36 13.98 -6.98
N ALA B 153 -15.04 13.33 -5.87
CA ALA B 153 -15.63 12.06 -5.50
C ALA B 153 -16.50 12.28 -4.27
N PRO B 154 -17.67 12.90 -4.43
CA PRO B 154 -18.41 13.41 -3.25
C PRO B 154 -18.88 12.33 -2.31
N GLU B 155 -19.08 11.10 -2.79
CA GLU B 155 -19.38 9.99 -1.90
C GLU B 155 -18.20 9.67 -1.00
N ALA B 156 -16.98 9.93 -1.47
CA ALA B 156 -15.79 9.67 -0.66
C ALA B 156 -15.56 10.77 0.37
N GLN B 157 -15.69 12.04 -0.03
CA GLN B 157 -15.42 13.11 0.93
C GLN B 157 -16.53 13.26 1.97
N ASN B 158 -17.70 12.65 1.78
CA ASN B 158 -18.68 12.55 2.85
C ASN B 158 -18.36 11.42 3.82
N ASN B 159 -17.34 10.62 3.53
CA ASN B 159 -16.93 9.50 4.35
C ASN B 159 -15.55 9.68 4.96
N CYS B 160 -14.91 10.84 4.73
CA CYS B 160 -13.48 10.99 4.94
C CYS B 160 -13.15 12.44 5.27
N ARG B 161 -12.31 12.67 6.29
CA ARG B 161 -11.82 14.02 6.60
C ARG B 161 -10.30 14.00 6.80
N LEU B 162 -9.62 14.95 6.18
CA LEU B 162 -8.17 15.11 6.31
C LEU B 162 -7.85 16.09 7.44
N ILE B 163 -6.91 15.71 8.29
CA ILE B 163 -6.44 16.56 9.40
C ILE B 163 -4.99 16.95 9.08
N VAL B 164 -4.81 18.17 8.58
CA VAL B 164 -3.54 18.64 8.05
C VAL B 164 -2.94 19.61 9.07
N TYR B 165 -1.65 19.46 9.39
CA TYR B 165 -1.04 20.30 10.41
C TYR B 165 0.47 20.37 10.21
N GLN B 166 1.07 21.48 10.71
CA GLN B 166 2.50 21.74 10.49
C GLN B 166 3.43 21.21 11.58
N GLU B 167 2.93 21.02 12.80
CA GLU B 167 3.78 20.70 13.93
C GLU B 167 4.12 19.21 13.96
N PRO B 168 5.15 18.82 14.71
CA PRO B 168 5.40 17.39 14.92
C PRO B 168 4.19 16.72 15.56
N THR B 169 3.88 15.50 15.09
CA THR B 169 2.71 14.79 15.61
C THR B 169 2.88 14.47 17.09
N GLU B 170 4.13 14.31 17.53
CA GLU B 170 4.45 13.94 18.89
C GLU B 170 5.64 14.76 19.36
N GLY B 171 5.62 15.14 20.63
CA GLY B 171 6.66 15.99 21.20
C GLY B 171 6.31 17.46 21.13
N GLY B 172 6.85 18.22 22.08
CA GLY B 172 6.58 19.65 22.09
C GLY B 172 5.18 19.94 22.62
N SER B 173 4.82 21.23 22.54
CA SER B 173 3.58 21.69 23.13
C SER B 173 2.36 21.53 22.23
N PHE B 174 2.54 21.20 20.95
CA PHE B 174 1.39 20.95 20.08
C PHE B 174 0.64 19.70 20.56
N SER B 175 -0.67 19.82 20.72
CA SER B 175 -1.50 18.69 21.15
C SER B 175 -2.25 18.17 19.93
N LEU B 176 -1.81 17.03 19.38
CA LEU B 176 -2.56 16.44 18.28
C LEU B 176 -3.96 16.04 18.74
N SER B 177 -4.11 15.59 19.99
CA SER B 177 -5.42 15.18 20.47
C SER B 177 -6.43 16.34 20.42
N GLN B 178 -6.02 17.51 20.91
CA GLN B 178 -6.88 18.70 20.80
C GLN B 178 -7.20 19.03 19.35
N GLU B 179 -6.22 18.88 18.45
CA GLU B 179 -6.44 19.16 17.03
C GLU B 179 -7.50 18.23 16.44
N ILE B 180 -7.40 16.94 16.72
CA ILE B 180 -8.42 16.00 16.26
C ILE B 180 -9.77 16.33 16.87
N LEU B 181 -9.80 16.57 18.18
CA LEU B 181 -11.06 16.87 18.86
C LEU B 181 -11.75 18.08 18.23
N ARG B 182 -10.97 19.11 17.87
CA ARG B 182 -11.56 20.26 17.18
C ARG B 182 -12.26 19.84 15.90
N HIS B 183 -11.63 18.95 15.12
CA HIS B 183 -12.26 18.44 13.89
C HIS B 183 -13.51 17.64 14.20
N LEU B 184 -13.46 16.78 15.22
CA LEU B 184 -14.65 16.03 15.60
C LEU B 184 -15.82 16.96 15.93
N ARG B 185 -15.55 18.07 16.64
CA ARG B 185 -16.65 18.98 16.99
C ARG B 185 -17.15 19.74 15.78
N GLN B 186 -16.26 20.09 14.85
CA GLN B 186 -16.67 20.65 13.56
C GLN B 186 -17.64 19.73 12.83
N GLU B 187 -17.30 18.45 12.75
CA GLU B 187 -18.15 17.48 12.05
C GLU B 187 -19.46 17.28 12.76
N GLU B 188 -19.43 17.19 14.10
CA GLU B 188 -20.63 17.11 14.91
C GLU B 188 -21.59 18.26 14.59
N ARG B 189 -21.03 19.45 14.32
CA ARG B 189 -21.85 20.60 14.02
C ARG B 189 -22.60 20.43 12.70
N GLU B 190 -21.95 19.80 11.71
CA GLU B 190 -22.52 19.69 10.37
C GLU B 190 -23.60 18.62 10.24
N VAL B 191 -23.72 17.72 11.21
CA VAL B 191 -24.76 16.69 11.16
C VAL B 191 -25.74 16.88 12.31
S SO4 C . -5.56 -4.34 -22.20
O1 SO4 C . -6.34 -3.16 -21.81
O2 SO4 C . -5.70 -5.44 -21.25
O3 SO4 C . -5.99 -4.78 -23.52
O4 SO4 C . -4.15 -3.97 -22.21
S SO4 D . 16.23 -23.15 4.41
O1 SO4 D . 15.48 -22.06 3.79
O2 SO4 D . 15.60 -23.51 5.69
O3 SO4 D . 16.22 -24.30 3.52
O4 SO4 D . 17.60 -22.71 4.65
S SO4 E . 20.37 -1.87 0.43
O1 SO4 E . 20.30 -0.49 -0.04
O2 SO4 E . 20.06 -1.92 1.85
O3 SO4 E . 19.39 -2.69 -0.29
O4 SO4 E . 21.70 -2.42 0.21
S SO4 F . 1.21 -16.94 9.81
O1 SO4 F . 2.16 -15.85 10.01
O2 SO4 F . 0.09 -16.79 10.75
O3 SO4 F . 0.71 -16.91 8.45
O4 SO4 F . 1.88 -18.22 10.06
S SO4 G . -9.31 23.00 8.95
O1 SO4 G . -10.15 24.03 9.55
O2 SO4 G . -8.08 22.84 9.74
O3 SO4 G . -8.96 23.37 7.59
O4 SO4 G . -10.07 21.75 8.90
P1 C2E H . -1.22 0.94 -3.22
O2P C2E H . -1.62 -0.51 -3.29
O1P C2E H . -1.92 1.61 -4.32
O5' C2E H . -1.70 1.48 -1.84
C5' C2E H . -1.49 2.84 -1.64
C4' C2E H . -1.59 3.27 -0.19
O4' C2E H . -2.88 2.95 0.25
C3' C2E H . -0.68 2.57 0.76
O3' C2E H . 0.55 3.19 0.93
C2' C2E H . -1.40 2.68 1.96
O2' C2E H . -1.32 3.99 2.51
C1' C2E H . -2.79 2.45 1.54
N9 C2E H . -3.06 1.00 1.72
C8 C2E H . -2.93 0.06 0.83
N7 C2E H . -3.18 -1.08 1.27
C5 C2E H . -3.54 -1.09 2.54
C6 C2E H . -3.93 -2.05 3.50
O6 C2E H . -4.00 -3.34 3.18
N1 C2E H . -4.23 -1.63 4.76
C2 C2E H . -4.14 -0.29 5.07
N2 C2E H . -4.48 0.15 6.47
N3 C2E H . -3.77 0.65 4.18
C4 C2E H . -3.47 0.31 2.92
P11 C2E H . 1.78 2.23 1.17
O21 C2E H . 1.52 1.43 2.44
O11 C2E H . 3.03 3.09 1.33
O5A C2E H . 1.99 1.17 0.03
C5A C2E H . 2.45 1.74 -1.15
C4A C2E H . 2.41 0.78 -2.29
O4A C2E H . 3.25 -0.35 -1.93
C3A C2E H . 1.07 0.24 -2.54
O3A C2E H . 0.33 1.01 -3.43
C2A C2E H . 1.41 -1.03 -3.17
O2A C2E H . 1.69 -0.81 -4.51
C1A C2E H . 2.62 -1.52 -2.41
N91 C2E H . 2.16 -2.31 -1.40
C81 C2E H . 1.79 -2.00 -0.17
N71 C2E H . 1.39 -2.98 0.52
C51 C2E H . 1.43 -4.10 -0.15
C61 C2E H . 1.15 -5.45 0.02
O61 C2E H . 0.65 -5.98 1.21
N11 C2E H . 1.35 -6.31 -1.02
C21 C2E H . 1.83 -5.89 -2.23
N21 C2E H . 2.04 -6.86 -3.31
N31 C2E H . 2.13 -4.60 -2.45
C41 C2E H . 1.95 -3.70 -1.47
#